data_2XE0
#
_entry.id   2XE0
#
_cell.length_a   177.857
_cell.length_b   71.538
_cell.length_c   45.005
_cell.angle_alpha   90.00
_cell.angle_beta   90.00
_cell.angle_gamma   90.00
#
_symmetry.space_group_name_H-M   'P 21 21 2'
#
loop_
_entity.id
_entity.type
_entity.pdbx_description
1 polymer 'I-CREI V2V3 VARIANT'
2 polymer 'I-CREI V2V3 VARIANT'
3 polymer '24MER DNA'
4 polymer '24MER DNA'
5 non-polymer 'ACETATE ION'
6 non-polymer S-1,2-PROPANEDIOL
7 non-polymer 'MAGNESIUM ION'
8 water water
#
loop_
_entity_poly.entity_id
_entity_poly.type
_entity_poly.pdbx_seq_one_letter_code
_entity_poly.pdbx_strand_id
1 'polypeptide(L)'
;NTKYNKEFLLYLAGFVDGDGSIIAQINPNASSKFKHRLRLTFYVTQKTQRRWFLDKLVDEIGVGYVRDSGSVSQYVLSEI
APLHNFLTQLQPFLKLKQKQANLVLKIIEQLPSAKASPAAFLEVCTWVDQIAALNDSATRKTTSETVAAVLD
;
A
2 'polypeptide(L)'
;NTKYNKEFLLYLAGFVDGDGSIIAQIKPRASNKFAHQLSLTFAVTQKTQRRWFLDKLVDEIGVGYVYDSGSVSDYRLSEI
KPLHNFLTQLQPFLKLKQKQANLVLAIIEQLPSAKASPDAFLEVCTWVDQIAALNDSKTRATTSATVRAALD
;
B
3 'polydeoxyribonucleotide'
;(DT)(DT)(DG)(DT)(DT)(DC)(DT)(DC)(DA)(DG)(DG)(DT)(DA)(DC)(DC)(DT)(DC)(DA)(DG)(DC)
(DC)(DA)(DG)(DA)
;
C
4 'polydeoxyribonucleotide'
;(DT)(DC)(DT)(DG)(DG)(DC)(DT)(DG)(DA)(DG)(DG)(DT)(DA)(DC)(DC)(DT)(DG)(DA)(DG)(DA)
(DA)(DC)(DA)(DA)
;
D
#
loop_
_chem_comp.id
_chem_comp.type
_chem_comp.name
_chem_comp.formula
ACT non-polymer 'ACETATE ION' 'C2 H3 O2 -1'
DA DNA linking 2'-DEOXYADENOSINE-5'-MONOPHOSPHATE 'C10 H14 N5 O6 P'
DC DNA linking 2'-DEOXYCYTIDINE-5'-MONOPHOSPHATE 'C9 H14 N3 O7 P'
DG DNA linking 2'-DEOXYGUANOSINE-5'-MONOPHOSPHATE 'C10 H14 N5 O7 P'
DT DNA linking THYMIDINE-5'-MONOPHOSPHATE 'C10 H15 N2 O8 P'
MG non-polymer 'MAGNESIUM ION' 'Mg 2'
PGO non-polymer S-1,2-PROPANEDIOL 'C3 H8 O2'
#
# COMPACT_ATOMS: atom_id res chain seq x y z
N ASN A 1 9.36 -7.12 -25.50
CA ASN A 1 9.06 -6.15 -24.43
C ASN A 1 7.61 -5.77 -24.38
N THR A 2 6.95 -6.12 -23.30
CA THR A 2 5.55 -5.79 -23.11
C THR A 2 5.30 -4.35 -22.76
N LYS A 3 4.31 -3.75 -23.40
CA LYS A 3 3.90 -2.41 -23.03
C LYS A 3 2.69 -2.54 -22.14
N TYR A 4 2.79 -2.02 -20.93
CA TYR A 4 1.73 -2.10 -19.96
C TYR A 4 0.75 -0.96 -20.11
N ASN A 5 -0.51 -1.22 -19.87
CA ASN A 5 -1.51 -0.20 -19.92
C ASN A 5 -1.27 0.82 -18.86
N LYS A 6 -1.52 2.07 -19.17
CA LYS A 6 -1.24 3.16 -18.28
C LYS A 6 -2.00 3.15 -16.99
N GLU A 7 -3.27 2.85 -17.06
CA GLU A 7 -4.12 2.78 -15.90
C GLU A 7 -3.71 1.68 -14.95
N PHE A 8 -3.25 0.59 -15.49
CA PHE A 8 -2.68 -0.48 -14.72
C PHE A 8 -1.43 -0.05 -13.97
N LEU A 9 -0.55 0.66 -14.65
CA LEU A 9 0.65 1.16 -14.07
C LEU A 9 0.43 2.18 -12.98
N LEU A 10 -0.55 3.05 -13.18
CA LEU A 10 -0.96 4.03 -12.20
C LEU A 10 -1.50 3.42 -10.91
N TYR A 11 -2.40 2.47 -11.01
CA TYR A 11 -2.85 1.76 -9.84
C TYR A 11 -1.75 0.98 -9.15
N LEU A 12 -0.95 0.27 -9.91
CA LEU A 12 0.13 -0.54 -9.38
C LEU A 12 1.19 0.27 -8.69
N ALA A 13 1.47 1.41 -9.25
CA ALA A 13 2.42 2.31 -8.69
C ALA A 13 1.95 2.78 -7.35
N GLY A 14 0.68 3.04 -7.20
CA GLY A 14 0.15 3.34 -5.90
C GLY A 14 0.22 2.20 -4.92
N PHE A 15 -0.17 1.02 -5.34
CA PHE A 15 -0.13 -0.18 -4.52
C PHE A 15 1.25 -0.60 -4.13
N VAL A 16 2.18 -0.46 -5.04
CA VAL A 16 3.60 -0.66 -4.80
C VAL A 16 4.18 0.32 -3.81
N ASP A 17 3.82 1.57 -3.91
CA ASP A 17 4.26 2.57 -3.00
C ASP A 17 3.78 2.21 -1.63
N GLY A 18 2.66 1.54 -1.52
CA GLY A 18 2.23 1.05 -0.25
C GLY A 18 2.73 -0.28 0.26
N ASP A 19 2.44 -1.37 -0.41
CA ASP A 19 2.83 -2.70 0.02
C ASP A 19 3.99 -3.34 -0.71
N GLY A 20 4.63 -2.57 -1.57
CA GLY A 20 5.67 -3.06 -2.44
C GLY A 20 7.06 -2.83 -1.95
N SER A 21 8.03 -3.45 -2.58
CA SER A 21 9.40 -3.30 -2.19
C SER A 21 10.33 -3.30 -3.38
N ILE A 22 11.20 -2.31 -3.47
CA ILE A 22 12.22 -2.34 -4.46
C ILE A 22 13.56 -2.50 -3.80
N ILE A 23 14.21 -3.62 -4.04
CA ILE A 23 15.35 -4.09 -3.28
C ILE A 23 16.63 -4.31 -4.06
N ALA A 24 17.74 -3.82 -3.53
CA ALA A 24 19.05 -4.15 -4.02
C ALA A 24 19.94 -4.78 -2.95
N GLN A 25 20.54 -5.89 -3.29
CA GLN A 25 21.34 -6.63 -2.36
C GLN A 25 22.71 -6.94 -2.93
N ILE A 26 23.70 -7.01 -2.06
CA ILE A 26 25.01 -7.49 -2.39
C ILE A 26 25.24 -8.77 -1.63
N ASN A 27 25.32 -9.89 -2.32
CA ASN A 27 25.40 -11.18 -1.69
C ASN A 27 26.82 -11.63 -1.70
N PRO A 28 27.28 -12.24 -0.63
CA PRO A 28 28.64 -12.74 -0.63
C PRO A 28 28.70 -14.03 -1.40
N ASN A 29 29.40 -14.04 -2.52
CA ASN A 29 29.58 -15.26 -3.30
C ASN A 29 31.05 -15.53 -3.45
N ALA A 30 31.50 -16.62 -2.84
CA ALA A 30 32.88 -17.07 -2.93
C ALA A 30 33.30 -17.42 -4.35
N SER A 31 32.38 -17.98 -5.10
CA SER A 31 32.54 -18.25 -6.51
C SER A 31 32.70 -17.02 -7.39
N SER A 32 32.07 -15.92 -7.05
CA SER A 32 32.15 -14.74 -7.88
C SER A 32 33.52 -14.13 -7.81
N LYS A 33 33.93 -13.49 -8.89
CA LYS A 33 35.24 -12.90 -8.97
C LYS A 33 35.47 -11.79 -7.99
N PHE A 34 34.46 -10.96 -7.79
CA PHE A 34 34.55 -9.89 -6.84
C PHE A 34 34.06 -10.30 -5.48
N LYS A 35 33.68 -11.57 -5.35
CA LYS A 35 33.37 -12.19 -4.08
C LYS A 35 31.96 -11.91 -3.62
N HIS A 36 31.22 -11.19 -4.44
CA HIS A 36 29.86 -10.84 -4.14
C HIS A 36 29.00 -10.93 -5.39
N ARG A 37 27.74 -11.31 -5.23
CA ARG A 37 26.75 -11.29 -6.31
C ARG A 37 25.76 -10.18 -6.00
N LEU A 38 25.44 -9.37 -6.98
CA LEU A 38 24.31 -8.46 -6.87
C LEU A 38 22.97 -9.15 -7.08
N ARG A 39 21.95 -8.82 -6.31
CA ARG A 39 20.58 -9.19 -6.60
C ARG A 39 19.63 -8.01 -6.59
N LEU A 40 18.78 -7.90 -7.59
CA LEU A 40 17.79 -6.86 -7.63
C LEU A 40 16.43 -7.50 -7.66
N THR A 41 15.56 -7.11 -6.75
CA THR A 41 14.26 -7.72 -6.65
C THR A 41 13.16 -6.71 -6.51
N PHE A 42 12.06 -6.98 -7.19
CA PHE A 42 10.83 -6.28 -7.01
C PHE A 42 9.89 -7.24 -6.30
N TYR A 43 9.30 -6.78 -5.22
CA TYR A 43 8.48 -7.57 -4.34
C TYR A 43 7.15 -6.91 -4.13
N VAL A 44 6.09 -7.66 -4.09
CA VAL A 44 4.83 -7.22 -3.56
C VAL A 44 4.31 -8.23 -2.55
N THR A 45 4.04 -7.77 -1.35
CA THR A 45 3.71 -8.59 -0.22
C THR A 45 2.26 -8.42 0.10
N GLN A 46 1.58 -9.51 0.34
CA GLN A 46 0.23 -9.53 0.79
C GLN A 46 -0.09 -10.78 1.58
N LYS A 47 -1.08 -10.68 2.42
CA LYS A 47 -1.55 -11.78 3.21
C LYS A 47 -2.04 -12.88 2.27
N THR A 48 -1.80 -14.12 2.64
CA THR A 48 -2.06 -15.29 1.83
C THR A 48 -3.51 -15.53 1.51
N GLN A 49 -4.37 -14.99 2.33
CA GLN A 49 -5.79 -14.99 2.12
C GLN A 49 -6.11 -14.18 0.86
N ARG A 50 -5.19 -13.32 0.48
CA ARG A 50 -5.34 -12.46 -0.67
C ARG A 50 -4.42 -12.76 -1.84
N ARG A 51 -3.80 -13.92 -1.87
CA ARG A 51 -2.76 -14.23 -2.84
C ARG A 51 -3.21 -14.25 -4.29
N TRP A 52 -4.51 -14.33 -4.48
CA TRP A 52 -5.11 -14.28 -5.79
C TRP A 52 -4.76 -12.97 -6.43
N PHE A 53 -4.66 -11.93 -5.62
CA PHE A 53 -4.33 -10.62 -6.09
C PHE A 53 -2.92 -10.61 -6.65
N LEU A 54 -2.03 -11.28 -5.95
CA LEU A 54 -0.70 -11.56 -6.40
C LEU A 54 -0.59 -12.50 -7.58
N ASP A 55 -1.43 -13.53 -7.62
CA ASP A 55 -1.48 -14.50 -8.70
C ASP A 55 -1.88 -13.85 -10.02
N LYS A 56 -2.83 -12.93 -9.96
CA LYS A 56 -3.25 -12.10 -11.05
C LYS A 56 -2.12 -11.26 -11.57
N LEU A 57 -1.30 -10.80 -10.65
CA LEU A 57 -0.15 -9.99 -10.94
C LEU A 57 0.89 -10.65 -11.79
N VAL A 58 1.10 -11.91 -11.60
CA VAL A 58 2.00 -12.65 -12.43
C VAL A 58 1.51 -12.66 -13.86
N ASP A 59 0.22 -12.82 -14.02
CA ASP A 59 -0.42 -12.77 -15.31
C ASP A 59 -0.40 -11.43 -16.03
N GLU A 60 -0.73 -10.38 -15.32
CA GLU A 60 -0.60 -9.05 -15.85
C GLU A 60 0.78 -8.55 -16.11
N ILE A 61 1.71 -8.78 -15.22
CA ILE A 61 3.10 -8.52 -15.51
C ILE A 61 3.66 -9.47 -16.55
N GLY A 62 3.29 -10.72 -16.50
CA GLY A 62 3.75 -11.71 -17.44
C GLY A 62 4.98 -12.47 -17.08
N VAL A 63 5.59 -12.09 -15.97
CA VAL A 63 6.79 -12.72 -15.47
C VAL A 63 6.68 -12.77 -13.98
N GLY A 64 7.55 -13.53 -13.35
CA GLY A 64 7.61 -13.62 -11.92
C GLY A 64 6.84 -14.70 -11.26
N TYR A 65 6.87 -14.70 -9.94
CA TYR A 65 6.38 -15.78 -9.12
C TYR A 65 5.72 -15.33 -7.85
N VAL A 66 4.88 -16.18 -7.30
CA VAL A 66 4.34 -15.95 -6.01
C VAL A 66 4.83 -17.02 -5.05
N ARG A 67 5.41 -16.59 -3.95
CA ARG A 67 5.91 -17.46 -2.89
C ARG A 67 5.08 -17.29 -1.63
N ASP A 68 4.87 -18.37 -0.92
CA ASP A 68 3.93 -18.42 0.16
C ASP A 68 4.60 -18.81 1.47
N SER A 69 4.28 -18.13 2.56
CA SER A 69 4.77 -18.49 3.89
C SER A 69 3.70 -18.55 4.96
N GLY A 70 2.88 -19.58 4.96
CA GLY A 70 1.92 -19.61 6.01
C GLY A 70 0.96 -18.47 5.90
N SER A 71 1.16 -17.45 6.70
CA SER A 71 0.29 -16.28 6.70
C SER A 71 0.37 -15.33 5.50
N VAL A 72 1.54 -15.10 4.97
CA VAL A 72 1.80 -14.04 4.03
C VAL A 72 2.42 -14.54 2.75
N SER A 73 2.16 -13.85 1.65
CA SER A 73 2.63 -14.29 0.36
C SER A 73 3.33 -13.13 -0.29
N GLN A 74 4.21 -13.42 -1.23
CA GLN A 74 4.85 -12.40 -2.03
C GLN A 74 4.94 -12.64 -3.52
N TYR A 75 4.73 -11.60 -4.29
CA TYR A 75 5.12 -11.58 -5.66
C TYR A 75 6.56 -11.12 -5.77
N VAL A 76 7.35 -11.90 -6.48
CA VAL A 76 8.73 -11.59 -6.69
C VAL A 76 9.15 -11.59 -8.16
N LEU A 77 9.78 -10.52 -8.59
CA LEU A 77 10.38 -10.45 -9.89
C LEU A 77 11.86 -10.10 -9.77
N SER A 78 12.70 -11.02 -10.21
CA SER A 78 14.14 -10.87 -10.13
C SER A 78 14.88 -10.88 -11.45
N GLU A 79 14.26 -11.36 -12.50
CA GLU A 79 14.95 -11.50 -13.75
C GLU A 79 15.23 -10.16 -14.39
N ILE A 80 16.48 -9.93 -14.72
CA ILE A 80 16.92 -8.61 -15.04
C ILE A 80 16.28 -7.92 -16.23
N ALA A 81 16.15 -8.58 -17.35
CA ALA A 81 15.55 -7.88 -18.48
C ALA A 81 14.08 -7.49 -18.32
N PRO A 82 13.26 -8.42 -17.83
CA PRO A 82 11.88 -8.12 -17.53
C PRO A 82 11.74 -7.08 -16.43
N LEU A 83 12.64 -7.12 -15.46
CA LEU A 83 12.67 -6.16 -14.40
C LEU A 83 12.98 -4.78 -14.92
N HIS A 84 13.97 -4.64 -15.77
CA HIS A 84 14.30 -3.35 -16.32
C HIS A 84 13.14 -2.84 -17.12
N ASN A 85 12.48 -3.69 -17.88
CA ASN A 85 11.33 -3.26 -18.66
C ASN A 85 10.14 -2.78 -17.85
N PHE A 86 9.76 -3.54 -16.85
CA PHE A 86 8.68 -3.19 -15.96
C PHE A 86 8.95 -1.93 -15.16
N LEU A 87 10.14 -1.81 -14.57
CA LEU A 87 10.50 -0.62 -13.83
C LEU A 87 10.58 0.64 -14.67
N THR A 88 10.98 0.52 -15.90
CA THR A 88 11.10 1.66 -16.78
C THR A 88 9.74 2.27 -16.93
N GLN A 89 8.77 1.42 -17.20
CA GLN A 89 7.38 1.76 -17.28
C GLN A 89 6.70 2.20 -15.97
N LEU A 90 7.02 1.59 -14.86
CA LEU A 90 6.50 2.00 -13.55
C LEU A 90 6.95 3.35 -12.97
N GLN A 91 8.22 3.67 -13.11
CA GLN A 91 8.88 4.74 -12.38
C GLN A 91 8.32 6.15 -12.58
N PRO A 92 7.74 6.42 -13.72
CA PRO A 92 7.14 7.71 -13.92
C PRO A 92 6.03 7.91 -12.90
N PHE A 93 5.33 6.85 -12.54
CA PHE A 93 4.19 6.92 -11.66
C PHE A 93 4.44 6.75 -10.16
N LEU A 94 5.60 6.27 -9.77
CA LEU A 94 5.93 6.16 -8.37
C LEU A 94 6.20 7.48 -7.68
N LYS A 95 5.91 7.53 -6.39
CA LYS A 95 6.28 8.68 -5.59
C LYS A 95 7.25 8.34 -4.48
N LEU A 96 6.84 7.49 -3.57
CA LEU A 96 7.67 7.06 -2.49
C LEU A 96 8.89 6.29 -2.94
N LYS A 97 8.72 5.50 -3.98
CA LYS A 97 9.74 4.59 -4.42
C LYS A 97 10.31 4.89 -5.78
N GLN A 98 10.10 6.07 -6.31
CA GLN A 98 10.66 6.40 -7.60
C GLN A 98 12.16 6.42 -7.70
N LYS A 99 12.81 6.95 -6.70
CA LYS A 99 14.25 6.97 -6.70
C LYS A 99 14.88 5.59 -6.65
N GLN A 100 14.28 4.69 -5.90
CA GLN A 100 14.76 3.33 -5.82
C GLN A 100 14.69 2.65 -7.16
N ALA A 101 13.61 2.87 -7.88
CA ALA A 101 13.43 2.31 -9.18
C ALA A 101 14.46 2.82 -10.16
N ASN A 102 14.73 4.10 -10.11
CA ASN A 102 15.76 4.70 -10.93
C ASN A 102 17.13 4.18 -10.61
N LEU A 103 17.42 3.98 -9.35
CA LEU A 103 18.66 3.39 -8.99
C LEU A 103 18.80 1.96 -9.50
N VAL A 104 17.74 1.18 -9.42
CA VAL A 104 17.81 -0.17 -9.92
C VAL A 104 18.06 -0.20 -11.41
N LEU A 105 17.42 0.69 -12.13
CA LEU A 105 17.59 0.78 -13.54
C LEU A 105 19.02 1.12 -13.87
N LYS A 106 19.59 2.02 -13.09
CA LYS A 106 20.95 2.44 -13.29
C LYS A 106 21.91 1.30 -13.13
N ILE A 107 21.74 0.53 -12.09
CA ILE A 107 22.62 -0.57 -11.79
C ILE A 107 22.61 -1.62 -12.90
N ILE A 108 21.44 -1.97 -13.38
CA ILE A 108 21.25 -2.98 -14.38
C ILE A 108 21.90 -2.58 -15.67
N GLU A 109 21.71 -1.32 -16.02
CA GLU A 109 22.24 -0.70 -17.21
C GLU A 109 23.76 -0.69 -17.17
N GLN A 110 24.31 -0.59 -16.00
CA GLN A 110 25.73 -0.48 -15.84
C GLN A 110 26.30 -1.77 -15.40
N LEU A 111 25.54 -2.83 -15.44
CA LEU A 111 26.01 -4.08 -14.90
C LEU A 111 27.22 -4.62 -15.62
N PRO A 112 27.18 -4.65 -16.95
CA PRO A 112 28.24 -5.28 -17.70
C PRO A 112 29.57 -4.60 -17.46
N SER A 113 29.57 -3.30 -17.40
CA SER A 113 30.74 -2.54 -17.07
C SER A 113 31.16 -2.89 -15.68
N ALA A 114 30.20 -3.04 -14.80
CA ALA A 114 30.51 -3.22 -13.41
C ALA A 114 31.32 -4.50 -13.25
N LYS A 115 31.01 -5.47 -14.07
CA LYS A 115 31.71 -6.76 -14.09
C LYS A 115 33.17 -6.73 -14.53
N ALA A 116 33.51 -5.82 -15.44
CA ALA A 116 34.89 -5.61 -15.83
C ALA A 116 35.62 -4.52 -15.01
N SER A 117 35.81 -4.75 -13.72
CA SER A 117 36.61 -3.86 -12.89
C SER A 117 36.15 -3.77 -11.47
N PRO A 118 37.08 -3.83 -10.54
CA PRO A 118 36.72 -3.68 -9.14
C PRO A 118 36.15 -2.30 -8.86
N ALA A 119 36.73 -1.29 -9.49
CA ALA A 119 36.33 0.07 -9.25
C ALA A 119 34.93 0.39 -9.72
N ALA A 120 34.60 -0.07 -10.91
CA ALA A 120 33.26 0.10 -11.43
C ALA A 120 32.26 -0.67 -10.58
N PHE A 121 32.64 -1.81 -10.08
CA PHE A 121 31.80 -2.59 -9.19
C PHE A 121 31.52 -1.91 -7.88
N LEU A 122 32.53 -1.35 -7.25
CA LEU A 122 32.31 -0.63 -6.01
C LEU A 122 31.46 0.59 -6.18
N GLU A 123 31.58 1.30 -7.29
CA GLU A 123 30.80 2.50 -7.41
C GLU A 123 29.36 2.06 -7.35
N VAL A 124 29.08 1.02 -8.10
CA VAL A 124 27.78 0.43 -8.27
C VAL A 124 27.20 -0.13 -6.98
N CYS A 125 28.05 -0.64 -6.13
CA CYS A 125 27.68 -1.08 -4.81
C CYS A 125 27.18 0.07 -3.94
N THR A 126 27.69 1.26 -4.16
CA THR A 126 27.24 2.45 -3.44
C THR A 126 25.82 2.83 -3.77
N TRP A 127 25.43 2.59 -5.00
CA TRP A 127 24.08 2.81 -5.44
C TRP A 127 23.12 1.93 -4.67
N VAL A 128 23.53 0.72 -4.41
CA VAL A 128 22.77 -0.21 -3.62
C VAL A 128 22.58 0.31 -2.22
N ASP A 129 23.59 0.97 -1.71
CA ASP A 129 23.55 1.56 -0.40
C ASP A 129 22.51 2.63 -0.36
N GLN A 130 22.44 3.37 -1.44
CA GLN A 130 21.49 4.43 -1.59
C GLN A 130 20.05 3.95 -1.58
N ILE A 131 19.78 2.86 -2.28
CA ILE A 131 18.49 2.26 -2.30
C ILE A 131 18.10 1.78 -0.92
N ALA A 132 19.02 1.16 -0.21
CA ALA A 132 18.77 0.72 1.13
C ALA A 132 18.48 1.85 2.12
N ALA A 133 19.16 2.97 1.95
CA ALA A 133 18.93 4.16 2.76
C ALA A 133 17.54 4.74 2.59
N LEU A 134 17.11 4.79 1.34
CA LEU A 134 15.79 5.18 0.93
C LEU A 134 14.70 4.26 1.50
N ASN A 135 14.98 2.97 1.56
CA ASN A 135 14.05 1.99 2.09
C ASN A 135 14.01 2.06 3.58
N ASP A 136 13.07 1.39 4.21
CA ASP A 136 13.08 1.33 5.64
C ASP A 136 13.95 0.20 6.08
N SER A 137 15.25 0.34 5.94
CA SER A 137 16.19 -0.75 6.20
C SER A 137 16.37 -1.11 7.67
N ALA A 138 16.14 -2.35 8.03
CA ALA A 138 16.34 -2.78 9.39
C ALA A 138 17.33 -3.92 9.66
N THR A 139 17.53 -4.81 8.70
CA THR A 139 18.36 -6.00 8.89
C THR A 139 19.55 -6.12 7.97
N ARG A 140 19.96 -5.06 7.32
CA ARG A 140 21.01 -5.15 6.33
C ARG A 140 22.37 -5.58 6.89
N LYS A 141 23.12 -6.33 6.10
CA LYS A 141 24.38 -6.86 6.53
C LYS A 141 25.56 -6.45 5.69
N THR A 142 25.46 -6.64 4.39
CA THR A 142 26.57 -6.45 3.49
C THR A 142 26.39 -5.18 2.70
N THR A 143 27.40 -4.34 2.73
CA THR A 143 27.35 -3.02 2.12
C THR A 143 28.56 -2.84 1.25
N SER A 144 28.67 -1.70 0.62
CA SER A 144 29.80 -1.42 -0.22
C SER A 144 31.12 -1.47 0.54
N GLU A 145 31.10 -1.12 1.81
CA GLU A 145 32.28 -1.20 2.63
C GLU A 145 32.72 -2.63 2.80
N THR A 146 31.77 -3.53 2.93
CA THR A 146 32.11 -4.91 3.14
C THR A 146 32.85 -5.33 1.90
N VAL A 147 32.71 -4.52 0.87
CA VAL A 147 33.27 -4.82 -0.42
C VAL A 147 34.65 -4.19 -0.48
N ALA A 148 35.19 -3.91 0.70
CA ALA A 148 36.60 -3.60 0.91
C ALA A 148 37.32 -4.92 1.18
N ALA A 149 36.59 -6.03 1.04
CA ALA A 149 37.14 -7.36 1.04
C ALA A 149 38.01 -7.41 -0.18
N VAL A 150 37.67 -6.57 -1.14
CA VAL A 150 38.42 -6.46 -2.35
C VAL A 150 39.76 -5.83 -2.09
N LEU A 151 39.92 -5.21 -0.93
CA LEU A 151 41.23 -4.72 -0.50
C LEU A 151 41.83 -5.78 0.39
N ASP A 152 42.51 -6.74 -0.21
CA ASP A 152 43.11 -7.86 0.51
C ASP A 152 44.09 -8.60 -0.35
N ASN B 1 -18.28 18.79 -3.34
CA ASN B 1 -18.59 18.22 -4.64
C ASN B 1 -17.50 18.45 -5.63
N THR B 2 -16.30 18.51 -5.10
CA THR B 2 -15.09 18.59 -5.89
C THR B 2 -14.99 17.37 -6.74
N LYS B 3 -14.50 17.56 -7.95
CA LYS B 3 -14.32 16.46 -8.86
C LYS B 3 -12.84 16.22 -8.96
N TYR B 4 -12.45 14.95 -8.91
CA TYR B 4 -11.06 14.61 -8.80
C TYR B 4 -10.53 14.05 -10.10
N ASN B 5 -9.28 14.37 -10.40
CA ASN B 5 -8.59 13.86 -11.56
C ASN B 5 -8.50 12.35 -11.52
N LYS B 6 -8.76 11.71 -12.64
CA LYS B 6 -8.75 10.27 -12.79
C LYS B 6 -7.40 9.61 -12.58
N GLU B 7 -6.34 10.23 -13.04
CA GLU B 7 -5.02 9.72 -12.82
C GLU B 7 -4.68 9.71 -11.35
N PHE B 8 -5.08 10.75 -10.65
CA PHE B 8 -4.87 10.87 -9.23
C PHE B 8 -5.65 9.80 -8.48
N LEU B 9 -6.88 9.59 -8.88
CA LEU B 9 -7.72 8.59 -8.31
C LEU B 9 -7.23 7.17 -8.53
N LEU B 10 -6.66 6.90 -9.68
CA LEU B 10 -6.06 5.61 -9.92
C LEU B 10 -4.87 5.34 -9.05
N TYR B 11 -3.98 6.29 -8.94
CA TYR B 11 -2.86 6.13 -8.07
C TYR B 11 -3.28 5.96 -6.63
N LEU B 12 -4.17 6.80 -6.14
CA LEU B 12 -4.63 6.75 -4.77
C LEU B 12 -5.37 5.49 -4.38
N ALA B 13 -6.16 4.96 -5.27
CA ALA B 13 -6.85 3.73 -5.00
C ALA B 13 -5.88 2.58 -4.78
N GLY B 14 -4.83 2.49 -5.58
CA GLY B 14 -3.81 1.53 -5.36
C GLY B 14 -3.11 1.72 -4.04
N PHE B 15 -2.81 2.95 -3.69
CA PHE B 15 -2.21 3.25 -2.42
C PHE B 15 -3.06 2.96 -1.19
N VAL B 16 -4.32 3.27 -1.26
CA VAL B 16 -5.31 2.98 -0.26
C VAL B 16 -5.51 1.49 -0.05
N ASP B 17 -5.52 0.76 -1.15
CA ASP B 17 -5.61 -0.66 -1.17
C ASP B 17 -4.40 -1.24 -0.47
N GLY B 18 -3.28 -0.57 -0.55
CA GLY B 18 -2.13 -1.02 0.18
C GLY B 18 -1.97 -0.58 1.61
N ASP B 19 -1.84 0.71 1.87
CA ASP B 19 -1.67 1.28 3.20
C ASP B 19 -2.86 1.93 3.88
N GLY B 20 -4.01 1.85 3.26
CA GLY B 20 -5.18 2.59 3.61
C GLY B 20 -6.20 1.75 4.30
N SER B 21 -7.20 2.39 4.87
CA SER B 21 -8.21 1.72 5.65
C SER B 21 -9.59 2.36 5.53
N ILE B 22 -10.62 1.56 5.39
CA ILE B 22 -11.97 2.05 5.41
C ILE B 22 -12.70 1.42 6.57
N ILE B 23 -13.06 2.24 7.53
CA ILE B 23 -13.50 1.79 8.84
C ILE B 23 -14.92 2.21 9.17
N ALA B 24 -15.69 1.28 9.67
CA ALA B 24 -17.02 1.54 10.19
C ALA B 24 -17.03 1.11 11.64
N GLN B 25 -17.57 1.92 12.52
CA GLN B 25 -17.57 1.61 13.92
C GLN B 25 -18.92 1.83 14.56
N ILE B 26 -19.24 1.06 15.58
CA ILE B 26 -20.38 1.34 16.43
C ILE B 26 -19.87 1.72 17.80
N LYS B 27 -20.06 2.95 18.20
CA LYS B 27 -19.56 3.38 19.48
C LYS B 27 -20.68 3.47 20.47
N PRO B 28 -20.51 2.86 21.63
CA PRO B 28 -21.56 2.92 22.62
C PRO B 28 -21.62 4.31 23.21
N ARG B 29 -22.80 4.93 23.19
CA ARG B 29 -23.00 6.23 23.81
C ARG B 29 -24.34 6.25 24.53
N ALA B 30 -24.36 6.63 25.79
CA ALA B 30 -25.61 6.74 26.54
C ALA B 30 -26.55 7.80 25.99
N SER B 31 -25.99 8.94 25.62
CA SER B 31 -26.74 10.08 25.11
C SER B 31 -27.46 9.83 23.81
N ASN B 32 -27.10 8.75 23.16
CA ASN B 32 -27.70 8.40 21.91
C ASN B 32 -29.00 7.72 22.04
N LYS B 33 -29.87 7.92 21.05
CA LYS B 33 -31.18 7.34 21.08
C LYS B 33 -31.18 5.84 21.07
N PHE B 34 -30.34 5.21 20.28
CA PHE B 34 -30.27 3.77 20.31
C PHE B 34 -29.06 3.31 21.10
N ALA B 35 -28.46 4.26 21.80
CA ALA B 35 -27.42 4.05 22.79
C ALA B 35 -26.02 3.91 22.21
N HIS B 36 -25.94 4.00 20.89
CA HIS B 36 -24.68 3.94 20.18
C HIS B 36 -24.64 5.00 19.11
N GLN B 37 -23.44 5.40 18.77
CA GLN B 37 -23.17 6.32 17.70
C GLN B 37 -22.37 5.62 16.61
N LEU B 38 -22.73 5.85 15.37
CA LEU B 38 -22.02 5.30 14.23
C LEU B 38 -20.93 6.20 13.72
N SER B 39 -19.77 5.64 13.43
CA SER B 39 -18.63 6.40 12.95
C SER B 39 -18.07 5.79 11.69
N LEU B 40 -17.66 6.62 10.76
CA LEU B 40 -17.05 6.13 9.56
C LEU B 40 -15.77 6.87 9.30
N THR B 41 -14.70 6.16 9.03
CA THR B 41 -13.42 6.77 8.75
C THR B 41 -12.73 6.21 7.53
N PHE B 42 -12.11 7.11 6.77
CA PHE B 42 -11.17 6.77 5.75
C PHE B 42 -9.82 7.22 6.23
N ALA B 43 -8.87 6.30 6.30
CA ALA B 43 -7.53 6.59 6.77
C ALA B 43 -6.42 6.10 5.86
N VAL B 44 -5.35 6.86 5.76
CA VAL B 44 -4.10 6.40 5.20
C VAL B 44 -3.02 6.55 6.26
N THR B 45 -2.26 5.51 6.49
CA THR B 45 -1.25 5.49 7.51
C THR B 45 0.11 5.50 6.87
N GLN B 46 1.03 6.20 7.47
CA GLN B 46 2.41 6.22 7.03
C GLN B 46 3.34 6.64 8.15
N LYS B 47 4.59 6.26 8.06
CA LYS B 47 5.61 6.69 8.99
C LYS B 47 5.79 8.19 8.94
N THR B 48 6.00 8.82 10.09
CA THR B 48 6.00 10.27 10.20
C THR B 48 7.09 10.91 9.39
N GLN B 49 8.12 10.16 9.10
CA GLN B 49 9.24 10.60 8.30
C GLN B 49 8.72 10.91 6.92
N ARG B 50 7.60 10.31 6.59
CA ARG B 50 6.94 10.51 5.31
C ARG B 50 5.61 11.25 5.44
N ARG B 51 5.49 12.08 6.46
CA ARG B 51 4.26 12.78 6.75
C ARG B 51 3.99 13.72 5.60
N TRP B 52 5.01 14.04 4.87
CA TRP B 52 4.86 14.99 3.81
C TRP B 52 3.89 14.48 2.79
N PHE B 53 3.85 13.18 2.64
CA PHE B 53 2.98 12.49 1.70
C PHE B 53 1.51 12.61 2.05
N LEU B 54 1.20 12.42 3.31
CA LEU B 54 -0.12 12.66 3.87
C LEU B 54 -0.61 14.11 3.90
N ASP B 55 0.27 15.04 4.18
CA ASP B 55 -0.03 16.45 4.14
C ASP B 55 -0.42 16.80 2.75
N LYS B 56 0.27 16.24 1.79
CA LYS B 56 -0.05 16.43 0.39
C LYS B 56 -1.44 15.94 0.09
N LEU B 57 -1.84 14.89 0.75
CA LEU B 57 -3.16 14.32 0.60
C LEU B 57 -4.27 15.24 1.06
N VAL B 58 -4.04 15.96 2.14
CA VAL B 58 -5.00 16.94 2.58
C VAL B 58 -5.15 18.03 1.54
N ASP B 59 -4.05 18.47 0.95
CA ASP B 59 -4.11 19.45 -0.10
C ASP B 59 -4.84 18.93 -1.33
N GLU B 60 -4.52 17.74 -1.79
CA GLU B 60 -5.18 17.15 -2.93
C GLU B 60 -6.64 16.77 -2.78
N ILE B 61 -6.98 16.14 -1.68
CA ILE B 61 -8.34 15.85 -1.35
C ILE B 61 -9.09 17.13 -0.98
N GLY B 62 -8.39 18.01 -0.30
CA GLY B 62 -8.90 19.31 0.06
C GLY B 62 -9.69 19.36 1.34
N VAL B 63 -9.74 18.24 2.02
CA VAL B 63 -10.49 18.12 3.24
C VAL B 63 -9.81 17.04 4.04
N GLY B 64 -10.12 16.94 5.32
CA GLY B 64 -9.50 16.01 6.22
C GLY B 64 -8.29 16.51 6.95
N TYR B 65 -7.76 15.71 7.85
CA TYR B 65 -6.66 16.12 8.69
C TYR B 65 -5.59 15.06 8.83
N VAL B 66 -4.39 15.48 9.24
CA VAL B 66 -3.30 14.57 9.52
C VAL B 66 -2.95 14.54 11.00
N TYR B 67 -2.75 13.36 11.57
CA TYR B 67 -2.45 13.19 12.99
C TYR B 67 -1.23 12.31 13.25
N ASP B 68 -0.51 12.56 14.33
CA ASP B 68 0.63 11.75 14.73
C ASP B 68 0.44 11.19 16.09
N SER B 69 0.82 9.95 16.27
CA SER B 69 0.88 9.31 17.55
C SER B 69 2.09 8.43 17.44
N GLY B 70 2.97 8.46 18.42
CA GLY B 70 4.20 7.74 18.30
C GLY B 70 4.91 8.24 17.08
N SER B 71 5.42 7.32 16.29
CA SER B 71 6.23 7.64 15.14
C SER B 71 5.59 7.43 13.78
N VAL B 72 4.28 7.27 13.76
CA VAL B 72 3.51 7.19 12.54
C VAL B 72 2.40 8.22 12.46
N SER B 73 2.02 8.58 11.25
CA SER B 73 0.95 9.52 11.00
C SER B 73 -0.20 8.87 10.24
N ASP B 74 -1.38 9.45 10.38
CA ASP B 74 -2.61 8.98 9.81
C ASP B 74 -3.16 10.18 9.09
N TYR B 75 -3.57 10.03 7.85
CA TYR B 75 -4.49 10.95 7.26
C TYR B 75 -5.85 10.38 7.55
N ARG B 76 -6.78 11.23 7.95
CA ARG B 76 -8.12 10.84 8.32
C ARG B 76 -9.17 11.72 7.72
N LEU B 77 -10.23 11.14 7.20
CA LEU B 77 -11.45 11.84 6.84
C LEU B 77 -12.71 11.19 7.41
N SER B 78 -13.45 11.92 8.24
CA SER B 78 -14.68 11.42 8.83
C SER B 78 -15.96 12.13 8.49
N GLU B 79 -15.87 13.38 8.08
CA GLU B 79 -17.03 14.20 7.81
C GLU B 79 -17.79 13.48 6.73
N ILE B 80 -19.05 13.16 6.98
CA ILE B 80 -19.82 12.29 6.11
C ILE B 80 -20.08 12.79 4.70
N LYS B 81 -20.34 14.07 4.56
CA LYS B 81 -20.59 14.60 3.25
C LYS B 81 -19.41 14.52 2.32
N PRO B 82 -18.27 14.99 2.76
CA PRO B 82 -17.03 14.90 2.01
C PRO B 82 -16.60 13.45 1.80
N LEU B 83 -16.81 12.61 2.80
CA LEU B 83 -16.55 11.21 2.71
C LEU B 83 -17.39 10.52 1.67
N HIS B 84 -18.65 10.87 1.60
CA HIS B 84 -19.49 10.33 0.57
C HIS B 84 -19.05 10.71 -0.83
N ASN B 85 -18.74 11.97 -1.04
CA ASN B 85 -18.28 12.43 -2.31
C ASN B 85 -16.98 11.80 -2.74
N PHE B 86 -16.01 11.76 -1.84
CA PHE B 86 -14.72 11.19 -2.13
C PHE B 86 -14.76 9.72 -2.45
N LEU B 87 -15.45 8.96 -1.62
CA LEU B 87 -15.59 7.54 -1.82
C LEU B 87 -16.39 7.16 -3.05
N THR B 88 -17.34 8.00 -3.42
CA THR B 88 -18.13 7.76 -4.60
C THR B 88 -17.19 7.79 -5.76
N GLN B 89 -16.33 8.78 -5.78
CA GLN B 89 -15.29 8.86 -6.77
C GLN B 89 -14.19 7.82 -6.74
N LEU B 90 -13.70 7.48 -5.55
CA LEU B 90 -12.68 6.45 -5.35
C LEU B 90 -13.06 5.03 -5.68
N GLN B 91 -14.28 4.64 -5.41
CA GLN B 91 -14.64 3.24 -5.38
C GLN B 91 -14.48 2.41 -6.65
N PRO B 92 -14.67 3.01 -7.83
CA PRO B 92 -14.51 2.28 -9.06
C PRO B 92 -13.10 1.75 -9.25
N PHE B 93 -12.12 2.48 -8.74
CA PHE B 93 -10.74 2.11 -8.87
C PHE B 93 -10.18 1.23 -7.78
N LEU B 94 -10.92 1.02 -6.72
CA LEU B 94 -10.49 0.14 -5.66
C LEU B 94 -10.69 -1.27 -6.06
N LYS B 95 -9.79 -2.13 -5.65
CA LYS B 95 -9.94 -3.55 -5.84
C LYS B 95 -10.08 -4.33 -4.55
N LEU B 96 -9.15 -4.17 -3.65
CA LEU B 96 -9.22 -4.78 -2.33
C LEU B 96 -10.29 -4.27 -1.38
N LYS B 97 -10.47 -2.98 -1.36
CA LYS B 97 -11.36 -2.32 -0.45
C LYS B 97 -12.59 -1.76 -1.15
N GLN B 98 -12.92 -2.28 -2.33
CA GLN B 98 -14.08 -1.80 -3.03
C GLN B 98 -15.39 -2.03 -2.30
N LYS B 99 -15.60 -3.21 -1.75
CA LYS B 99 -16.82 -3.49 -1.02
C LYS B 99 -17.03 -2.64 0.22
N GLN B 100 -15.97 -2.41 0.95
CA GLN B 100 -16.00 -1.59 2.12
C GLN B 100 -16.38 -0.19 1.76
N ALA B 101 -15.91 0.30 0.63
CA ALA B 101 -16.28 1.61 0.17
C ALA B 101 -17.75 1.73 -0.16
N ASN B 102 -18.29 0.74 -0.84
CA ASN B 102 -19.69 0.68 -1.14
C ASN B 102 -20.60 0.51 0.05
N LEU B 103 -20.23 -0.33 0.98
CA LEU B 103 -20.98 -0.52 2.19
C LEU B 103 -21.02 0.72 3.03
N VAL B 104 -19.94 1.47 3.06
CA VAL B 104 -19.90 2.74 3.73
C VAL B 104 -20.82 3.76 3.08
N LEU B 105 -20.82 3.80 1.76
CA LEU B 105 -21.66 4.71 1.04
C LEU B 105 -23.09 4.42 1.28
N ALA B 106 -23.47 3.16 1.28
CA ALA B 106 -24.81 2.75 1.61
C ALA B 106 -25.22 3.10 3.03
N ILE B 107 -24.34 2.93 3.99
CA ILE B 107 -24.65 3.24 5.37
C ILE B 107 -25.01 4.71 5.49
N ILE B 108 -24.22 5.56 4.86
CA ILE B 108 -24.39 6.98 4.92
C ILE B 108 -25.72 7.39 4.37
N GLU B 109 -26.08 6.77 3.27
CA GLU B 109 -27.33 7.00 2.59
C GLU B 109 -28.53 6.61 3.39
N GLN B 110 -28.42 5.55 4.16
CA GLN B 110 -29.50 5.03 4.96
C GLN B 110 -29.45 5.58 6.35
N LEU B 111 -28.67 6.61 6.55
CA LEU B 111 -28.55 7.15 7.88
C LEU B 111 -29.87 7.68 8.42
N PRO B 112 -30.61 8.40 7.59
CA PRO B 112 -31.86 9.00 8.01
C PRO B 112 -32.85 7.94 8.42
N SER B 113 -32.90 6.84 7.70
CA SER B 113 -33.65 5.69 8.12
C SER B 113 -33.11 5.07 9.39
N ALA B 114 -31.80 5.09 9.57
CA ALA B 114 -31.21 4.44 10.74
C ALA B 114 -31.68 5.08 12.03
N LYS B 115 -31.84 6.39 11.97
CA LYS B 115 -32.35 7.15 13.06
C LYS B 115 -33.80 6.90 13.45
N ALA B 116 -34.66 6.68 12.47
CA ALA B 116 -36.07 6.56 12.71
C ALA B 116 -36.45 5.35 13.51
N SER B 117 -35.84 4.22 13.20
CA SER B 117 -36.22 2.99 13.86
C SER B 117 -35.05 2.14 14.32
N PRO B 118 -35.22 1.45 15.42
CA PRO B 118 -34.22 0.55 15.96
C PRO B 118 -33.90 -0.64 15.06
N ASP B 119 -34.91 -1.25 14.48
CA ASP B 119 -34.71 -2.36 13.61
C ASP B 119 -33.96 -1.95 12.40
N ALA B 120 -34.24 -0.74 11.95
CA ALA B 120 -33.49 -0.14 10.87
C ALA B 120 -32.05 0.16 11.26
N PHE B 121 -31.87 0.62 12.48
CA PHE B 121 -30.56 0.94 12.97
C PHE B 121 -29.77 -0.32 12.99
N LEU B 122 -30.41 -1.35 13.46
CA LEU B 122 -29.76 -2.61 13.69
C LEU B 122 -29.24 -3.21 12.42
N GLU B 123 -30.01 -3.08 11.35
CA GLU B 123 -29.63 -3.56 10.05
C GLU B 123 -28.44 -2.81 9.52
N VAL B 124 -28.39 -1.52 9.77
CA VAL B 124 -27.28 -0.68 9.37
C VAL B 124 -26.02 -1.07 10.11
N CYS B 125 -26.19 -1.53 11.32
CA CYS B 125 -25.15 -2.09 12.15
C CYS B 125 -24.56 -3.36 11.60
N THR B 126 -25.36 -4.19 10.97
CA THR B 126 -24.94 -5.40 10.31
C THR B 126 -24.06 -5.15 9.12
N TRP B 127 -24.32 -4.06 8.45
CA TRP B 127 -23.49 -3.58 7.37
C TRP B 127 -22.12 -3.22 7.89
N VAL B 128 -22.06 -2.65 9.07
CA VAL B 128 -20.82 -2.30 9.69
C VAL B 128 -20.04 -3.57 9.94
N ASP B 129 -20.75 -4.61 10.28
CA ASP B 129 -20.18 -5.89 10.56
C ASP B 129 -19.54 -6.48 9.35
N GLN B 130 -20.16 -6.30 8.21
CA GLN B 130 -19.63 -6.76 6.96
C GLN B 130 -18.34 -6.07 6.62
N ILE B 131 -18.29 -4.77 6.85
CA ILE B 131 -17.10 -4.02 6.57
C ILE B 131 -15.97 -4.51 7.41
N ALA B 132 -16.18 -4.71 8.68
CA ALA B 132 -15.18 -5.24 9.58
C ALA B 132 -14.71 -6.64 9.22
N ALA B 133 -15.62 -7.47 8.79
CA ALA B 133 -15.29 -8.79 8.32
C ALA B 133 -14.40 -8.78 7.10
N LEU B 134 -14.65 -7.87 6.17
CA LEU B 134 -13.85 -7.66 5.00
C LEU B 134 -12.45 -7.22 5.33
N ASN B 135 -12.34 -6.37 6.34
CA ASN B 135 -11.11 -5.85 6.87
C ASN B 135 -10.36 -6.91 7.62
N ASP B 136 -9.10 -6.67 7.92
CA ASP B 136 -8.39 -7.58 8.78
C ASP B 136 -8.62 -7.22 10.24
N SER B 137 -9.81 -7.51 10.73
CA SER B 137 -10.24 -7.09 12.03
C SER B 137 -9.62 -7.91 13.15
N LYS B 138 -8.95 -7.23 14.06
CA LYS B 138 -8.31 -7.92 15.14
C LYS B 138 -8.70 -7.50 16.56
N THR B 139 -9.19 -6.30 16.74
CA THR B 139 -9.48 -5.74 18.04
C THR B 139 -10.89 -5.18 18.25
N ARG B 140 -11.84 -5.63 17.46
CA ARG B 140 -13.21 -5.15 17.53
C ARG B 140 -13.99 -5.65 18.75
N ALA B 141 -14.59 -4.72 19.47
CA ALA B 141 -15.43 -4.99 20.63
C ALA B 141 -16.93 -4.88 20.42
N THR B 142 -17.39 -3.82 19.77
CA THR B 142 -18.82 -3.51 19.67
C THR B 142 -19.39 -3.85 18.31
N THR B 143 -20.49 -4.56 18.31
CA THR B 143 -21.01 -5.32 17.19
C THR B 143 -22.49 -5.08 17.01
N SER B 144 -23.08 -5.61 15.96
CA SER B 144 -24.51 -5.55 15.85
C SER B 144 -25.11 -6.32 17.00
N ALA B 145 -24.44 -7.38 17.40
CA ALA B 145 -24.87 -8.17 18.51
C ALA B 145 -24.87 -7.35 19.77
N THR B 146 -23.87 -6.54 19.97
CA THR B 146 -23.86 -5.69 21.14
C THR B 146 -25.06 -4.77 21.08
N VAL B 147 -25.40 -4.35 19.90
CA VAL B 147 -26.48 -3.40 19.73
C VAL B 147 -27.84 -3.97 20.11
N ARG B 148 -27.96 -5.28 20.19
CA ARG B 148 -29.20 -5.82 20.69
C ARG B 148 -29.08 -5.70 22.21
N ALA B 149 -28.76 -4.48 22.63
CA ALA B 149 -28.95 -3.98 23.98
C ALA B 149 -30.29 -3.38 23.86
N ALA B 150 -30.81 -3.42 22.66
CA ALA B 150 -32.11 -2.89 22.37
C ALA B 150 -33.15 -3.80 22.96
N LEU B 151 -32.72 -4.73 23.79
CA LEU B 151 -33.66 -5.61 24.46
C LEU B 151 -33.86 -5.00 25.82
N ASP B 152 -34.80 -4.09 25.84
CA ASP B 152 -35.10 -3.28 26.97
C ASP B 152 -36.44 -2.68 26.62
C ACT E . 15.15 4.50 6.07
O ACT E . 14.07 4.94 5.58
OXT ACT E . 16.14 4.61 5.33
CH3 ACT E . 15.22 3.87 7.44
C ACT F . 8.77 2.72 1.79
O ACT F . 9.95 2.78 1.37
OXT ACT F . 8.46 1.76 2.54
CH3 ACT F . 7.74 3.74 1.38
C ACT G . 0.06 12.13 -3.14
O ACT G . 1.00 12.64 -3.80
OXT ACT G . -0.86 11.60 -3.80
CH3 ACT G . 0.04 12.17 -1.64
C1 PGO H . -7.40 -5.59 2.25
C2 PGO H . -7.28 -4.75 3.49
C3 PGO H . -5.86 -4.74 4.01
O1 PGO H . -8.77 -5.48 1.80
O2 PGO H . -8.21 -5.23 4.45
C ACT I . -10.95 -11.15 7.79
O ACT I . -11.54 -12.03 7.11
OXT ACT I . -11.49 -10.04 7.79
CH3 ACT I . -9.66 -11.38 8.55
MG MG J . 3.61 0.94 3.24
MG MG K . 1.28 -1.73 3.92
MG MG L . -1.63 -3.51 2.90
#